data_9OMX
#
_entry.id   9OMX
#
_cell.length_a   166.727
_cell.length_b   54.964
_cell.length_c   120.435
_cell.angle_alpha   90.00
_cell.angle_beta   129.93
_cell.angle_gamma   90.00
#
_symmetry.space_group_name_H-M   'C 1 2 1'
#
loop_
_entity.id
_entity.type
_entity.pdbx_description
1 polymer "Bis(5'-nucleosyl)-tetraphosphatase [symmetrical]"
2 non-polymer '[[(2~{R},3~{S},4~{R},5~{R})-5-[2,4-bis(oxidanylidene)pyrimidin-1-yl]-3,4-bis(oxidanyl)oxolan-2-yl]methoxy-oxidanyl-phosphoryl] [[[(3~{S},4~{S},5~{R})-5-[2,4-bis(oxidanylidene)pyrimidin-1-yl]-3,4-bis(oxidanyl)oxolan-2-yl]methoxy-oxidanyl-phosphoryl]oxy-oxidanyl-phosphoryl] hydrogen phosphate'
3 non-polymer 'MANGANESE (II) ION'
4 non-polymer 'MAGNESIUM ION'
5 non-polymer 'SULFATE ION'
6 non-polymer '4-(2-HYDROXYETHYL)-1-PIPERAZINE ETHANESULFONIC ACID'
7 water water
#
_entity_poly.entity_id   1
_entity_poly.type   'polypeptide(L)'
_entity_poly.pdbx_seq_one_letter_code
;MATYLIGDVHGCYDELIALLHKVEFTPGKDTLWLTGDLVARGPGSLDVLRYVKSLGDSVRLVLGNHDLHLLAVFAGISRN
KPKDRLTPLLEAPDADELLNWLRRQPLLQIDEEKKLVMAHAGITPQWDLQTAKECARDVEAVLSSDSYPFFLDAMYGDMP
NNWSPELRGLGRLRFITNAFTRMRFCFPNGQLDMYSKESPEEAPAPLKPWFAIPGPVAEEYSIAFGHWASLEGKGTPEGI
YALDTGCCWGGTLTCLRWEDKQYFVQPSNRHKDLGEAAASHHHHHH
;
_entity_poly.pdbx_strand_id   A,B
#
# COMPACT_ATOMS: atom_id res chain seq x y z
N ALA A 2 -35.21 4.88 -13.60
CA ALA A 2 -33.85 5.12 -14.09
C ALA A 2 -32.90 4.12 -13.47
N THR A 3 -31.76 3.92 -14.12
CA THR A 3 -30.72 3.00 -13.65
C THR A 3 -29.49 3.80 -13.29
N TYR A 4 -29.00 3.66 -12.07
CA TYR A 4 -27.83 4.39 -11.58
C TYR A 4 -26.78 3.39 -11.18
N LEU A 5 -25.53 3.65 -11.57
CA LEU A 5 -24.38 2.82 -11.22
C LEU A 5 -23.38 3.67 -10.46
N ILE A 6 -23.00 3.23 -9.26
CA ILE A 6 -22.07 3.98 -8.42
C ILE A 6 -20.86 3.10 -8.10
N GLY A 7 -19.68 3.71 -8.11
CA GLY A 7 -18.43 3.01 -7.82
C GLY A 7 -18.21 2.80 -6.34
N ASP A 8 -16.95 2.48 -5.98
CA ASP A 8 -16.65 1.98 -4.65
C ASP A 8 -17.02 3.02 -3.58
N VAL A 9 -17.85 2.63 -2.62
CA VAL A 9 -18.30 3.56 -1.59
C VAL A 9 -17.33 3.64 -0.42
N HIS A 10 -16.74 2.52 -0.02
CA HIS A 10 -15.73 2.46 1.04
C HIS A 10 -16.15 3.26 2.27
N GLY A 11 -17.35 2.96 2.78
CA GLY A 11 -17.77 3.60 4.02
C GLY A 11 -18.11 5.07 3.92
N CYS A 12 -18.17 5.62 2.71
CA CYS A 12 -18.45 7.06 2.54
C CYS A 12 -19.96 7.25 2.45
N TYR A 13 -20.62 7.02 3.59
CA TYR A 13 -22.07 7.07 3.65
C TYR A 13 -22.61 8.46 3.29
N ASP A 14 -22.02 9.51 3.87
CA ASP A 14 -22.56 10.85 3.61
C ASP A 14 -22.49 11.19 2.13
N GLU A 15 -21.37 10.83 1.48
CA GLU A 15 -21.25 11.12 0.06
C GLU A 15 -22.24 10.29 -0.75
N LEU A 16 -22.44 9.03 -0.36
CA LEU A 16 -23.38 8.19 -1.09
C LEU A 16 -24.77 8.80 -1.05
N ILE A 17 -25.21 9.18 0.14
CA ILE A 17 -26.57 9.70 0.26
C ILE A 17 -26.70 11.03 -0.47
N ALA A 18 -25.67 11.87 -0.39
CA ALA A 18 -25.72 13.16 -1.09
C ALA A 18 -25.83 12.96 -2.59
N LEU A 19 -25.08 12.00 -3.13
CA LEU A 19 -25.13 11.72 -4.56
C LEU A 19 -26.50 11.17 -4.96
N LEU A 20 -27.06 10.26 -4.16
CA LEU A 20 -28.37 9.73 -4.47
C LEU A 20 -29.44 10.82 -4.40
N HIS A 21 -29.30 11.78 -3.47
CA HIS A 21 -30.25 12.88 -3.40
C HIS A 21 -30.10 13.79 -4.61
N LYS A 22 -28.87 13.95 -5.11
CA LYS A 22 -28.63 14.76 -6.30
C LYS A 22 -29.40 14.24 -7.51
N VAL A 23 -29.44 12.92 -7.69
CA VAL A 23 -30.20 12.33 -8.81
C VAL A 23 -31.64 12.00 -8.44
N GLU A 24 -32.09 12.32 -7.23
CA GLU A 24 -33.43 11.99 -6.73
C GLU A 24 -33.74 10.50 -6.90
N PHE A 25 -32.78 9.67 -6.45
CA PHE A 25 -32.96 8.22 -6.50
C PHE A 25 -34.19 7.83 -5.70
N THR A 26 -35.10 7.10 -6.37
CA THR A 26 -36.38 6.72 -5.78
C THR A 26 -36.62 5.22 -5.95
N PRO A 27 -36.36 4.42 -4.92
CA PRO A 27 -36.67 2.99 -5.00
C PRO A 27 -38.11 2.78 -5.44
N GLY A 28 -38.30 1.80 -6.32
CA GLY A 28 -39.58 1.57 -6.95
C GLY A 28 -39.71 2.23 -8.32
N LYS A 29 -39.04 3.35 -8.55
CA LYS A 29 -38.91 3.92 -9.88
C LYS A 29 -37.53 3.70 -10.48
N ASP A 30 -36.52 3.56 -9.63
CA ASP A 30 -35.12 3.53 -10.01
C ASP A 30 -34.46 2.29 -9.41
N THR A 31 -33.36 1.87 -10.04
CA THR A 31 -32.54 0.76 -9.54
C THR A 31 -31.09 1.23 -9.46
N LEU A 32 -30.42 0.85 -8.38
CA LEU A 32 -29.02 1.25 -8.14
C LEU A 32 -28.14 0.02 -8.30
N TRP A 33 -27.07 0.14 -9.10
CA TRP A 33 -26.03 -0.87 -9.18
C TRP A 33 -24.81 -0.36 -8.42
N LEU A 34 -24.20 -1.21 -7.59
CA LEU A 34 -23.02 -0.82 -6.82
C LEU A 34 -21.87 -1.79 -7.13
N THR A 35 -20.69 -1.23 -7.39
CA THR A 35 -19.54 -2.04 -7.80
C THR A 35 -18.86 -2.76 -6.64
N GLY A 36 -19.35 -2.65 -5.43
CA GLY A 36 -18.71 -3.34 -4.33
C GLY A 36 -17.68 -2.46 -3.64
N ASP A 37 -16.93 -3.09 -2.75
CA ASP A 37 -16.14 -2.36 -1.75
C ASP A 37 -17.01 -1.30 -1.07
N LEU A 38 -18.11 -1.79 -0.49
CA LEU A 38 -19.01 -0.93 0.28
C LEU A 38 -18.38 -0.42 1.55
N VAL A 39 -17.38 -1.14 2.06
CA VAL A 39 -16.88 -0.94 3.42
C VAL A 39 -15.40 -0.64 3.37
N ALA A 40 -14.89 -0.22 4.53
CA ALA A 40 -13.49 0.03 4.88
C ALA A 40 -13.00 1.38 4.42
N ARG A 41 -12.09 1.93 5.23
CA ARG A 41 -11.39 3.21 5.07
C ARG A 41 -12.24 4.42 5.43
N GLY A 42 -13.40 4.59 4.79
CA GLY A 42 -14.29 5.66 5.18
C GLY A 42 -14.90 5.36 6.54
N PRO A 43 -15.59 6.34 7.12
CA PRO A 43 -16.01 6.21 8.52
C PRO A 43 -17.32 5.48 8.73
N GLY A 44 -18.11 5.32 7.66
CA GLY A 44 -19.49 4.89 7.84
C GLY A 44 -19.86 3.55 7.24
N SER A 45 -18.98 2.56 7.34
CA SER A 45 -19.30 1.22 6.81
C SER A 45 -20.60 0.66 7.38
N LEU A 46 -20.87 0.89 8.68
CA LEU A 46 -22.08 0.34 9.29
C LEU A 46 -23.32 0.93 8.64
N ASP A 47 -23.35 2.26 8.49
CA ASP A 47 -24.52 2.89 7.88
C ASP A 47 -24.65 2.48 6.41
N VAL A 48 -23.53 2.35 5.69
CA VAL A 48 -23.62 1.93 4.29
C VAL A 48 -24.26 0.56 4.19
N LEU A 49 -23.80 -0.41 5.00
CA LEU A 49 -24.39 -1.76 4.87
C LEU A 49 -25.86 -1.77 5.28
N ARG A 50 -26.23 -1.06 6.35
CA ARG A 50 -27.64 -1.01 6.73
C ARG A 50 -28.51 -0.47 5.59
N TYR A 51 -28.06 0.64 4.98
CA TYR A 51 -28.85 1.25 3.91
C TYR A 51 -28.95 0.34 2.68
N VAL A 52 -27.81 -0.19 2.24
CA VAL A 52 -27.82 -0.98 1.01
C VAL A 52 -28.67 -2.24 1.20
N LYS A 53 -28.56 -2.89 2.38
CA LYS A 53 -29.42 -4.04 2.64
C LYS A 53 -30.89 -3.65 2.58
N SER A 54 -31.22 -2.45 3.09
CA SER A 54 -32.63 -2.05 3.12
C SER A 54 -33.21 -1.84 1.74
N LEU A 55 -32.36 -1.67 0.72
CA LEU A 55 -32.88 -1.41 -0.62
C LEU A 55 -33.49 -2.65 -1.30
N GLY A 56 -33.11 -3.86 -0.90
CA GLY A 56 -33.75 -5.05 -1.48
C GLY A 56 -33.61 -5.11 -3.00
N ASP A 57 -34.72 -5.34 -3.69
CA ASP A 57 -34.68 -5.47 -5.14
C ASP A 57 -34.32 -4.18 -5.86
N SER A 58 -34.26 -3.04 -5.17
CA SER A 58 -33.87 -1.78 -5.79
C SER A 58 -32.37 -1.61 -5.87
N VAL A 59 -31.59 -2.58 -5.38
CA VAL A 59 -30.13 -2.51 -5.53
C VAL A 59 -29.61 -3.83 -6.10
N ARG A 60 -28.63 -3.72 -7.00
CA ARG A 60 -27.89 -4.85 -7.58
C ARG A 60 -26.42 -4.64 -7.20
N LEU A 61 -25.95 -5.41 -6.22
CA LEU A 61 -24.60 -5.31 -5.69
C LEU A 61 -23.73 -6.42 -6.28
N VAL A 62 -22.42 -6.13 -6.44
CA VAL A 62 -21.41 -7.19 -6.54
C VAL A 62 -20.42 -7.01 -5.39
N LEU A 63 -19.89 -8.14 -4.89
CA LEU A 63 -18.93 -8.08 -3.79
C LEU A 63 -17.53 -7.72 -4.29
N GLY A 64 -16.83 -6.87 -3.53
CA GLY A 64 -15.46 -6.51 -3.81
C GLY A 64 -14.48 -7.14 -2.84
N ASN A 65 -13.19 -6.84 -3.05
CA ASN A 65 -12.17 -7.47 -2.19
C ASN A 65 -12.25 -7.03 -0.74
N HIS A 66 -12.63 -5.77 -0.47
CA HIS A 66 -12.77 -5.32 0.91
C HIS A 66 -14.02 -5.88 1.57
N ASP A 67 -15.07 -6.15 0.79
CA ASP A 67 -16.24 -6.82 1.36
C ASP A 67 -15.88 -8.24 1.81
N LEU A 68 -15.12 -8.96 0.96
CA LEU A 68 -14.66 -10.30 1.34
C LEU A 68 -13.73 -10.24 2.55
N HIS A 69 -12.83 -9.26 2.58
CA HIS A 69 -11.94 -9.14 3.75
C HIS A 69 -12.74 -8.90 5.03
N LEU A 70 -13.75 -8.02 4.98
CA LEU A 70 -14.63 -7.84 6.13
C LEU A 70 -15.23 -9.16 6.59
N LEU A 71 -15.73 -9.97 5.64
CA LEU A 71 -16.30 -11.25 6.02
C LEU A 71 -15.26 -12.14 6.69
N ALA A 72 -14.02 -12.09 6.21
CA ALA A 72 -12.94 -12.89 6.80
C ALA A 72 -12.63 -12.43 8.23
N VAL A 73 -12.67 -11.11 8.47
CA VAL A 73 -12.44 -10.62 9.82
C VAL A 73 -13.56 -11.07 10.75
N PHE A 74 -14.80 -10.93 10.28
CA PHE A 74 -15.98 -11.32 11.05
C PHE A 74 -15.91 -12.79 11.43
N ALA A 75 -15.46 -13.64 10.51
CA ALA A 75 -15.38 -15.08 10.74
C ALA A 75 -14.15 -15.50 11.51
N GLY A 76 -13.29 -14.56 11.89
CA GLY A 76 -12.09 -14.88 12.65
C GLY A 76 -10.97 -15.46 11.82
N ILE A 77 -11.07 -15.35 10.50
CA ILE A 77 -10.07 -15.86 9.55
C ILE A 77 -8.90 -14.89 9.42
N SER A 78 -9.17 -13.59 9.46
CA SER A 78 -8.17 -12.57 9.18
C SER A 78 -8.18 -11.52 10.28
N ARG A 79 -7.04 -10.86 10.44
CA ARG A 79 -6.88 -9.85 11.48
C ARG A 79 -7.48 -8.52 11.01
N ASN A 80 -8.09 -7.82 11.96
CA ASN A 80 -8.67 -6.50 11.74
C ASN A 80 -7.56 -5.45 11.65
N LYS A 81 -7.50 -4.71 10.56
CA LYS A 81 -6.53 -3.63 10.43
C LYS A 81 -7.14 -2.32 10.89
N PRO A 82 -6.51 -1.59 11.83
CA PRO A 82 -7.15 -0.36 12.33
C PRO A 82 -7.54 0.61 11.23
N LYS A 83 -6.73 0.74 10.18
CA LYS A 83 -7.05 1.73 9.14
C LYS A 83 -8.36 1.42 8.41
N ASP A 84 -8.84 0.18 8.46
CA ASP A 84 -10.10 -0.12 7.76
C ASP A 84 -11.33 0.45 8.46
N ARG A 85 -11.23 0.78 9.75
CA ARG A 85 -12.31 1.42 10.51
C ARG A 85 -13.58 0.56 10.50
N LEU A 86 -13.41 -0.74 10.67
CA LEU A 86 -14.52 -1.70 10.66
C LEU A 86 -15.09 -2.00 12.05
N THR A 87 -14.49 -1.47 13.12
CA THR A 87 -14.96 -1.93 14.43
C THR A 87 -16.40 -1.55 14.76
N PRO A 88 -16.90 -0.35 14.43
CA PRO A 88 -18.33 -0.08 14.70
C PRO A 88 -19.25 -1.07 14.02
N LEU A 89 -18.95 -1.47 12.79
CA LEU A 89 -19.78 -2.48 12.12
C LEU A 89 -19.64 -3.83 12.79
N LEU A 90 -18.40 -4.25 13.08
CA LEU A 90 -18.19 -5.55 13.71
C LEU A 90 -18.84 -5.65 15.09
N GLU A 91 -18.95 -4.52 15.80
CA GLU A 91 -19.50 -4.54 17.16
C GLU A 91 -20.98 -4.22 17.19
N ALA A 92 -21.59 -3.97 16.05
CA ALA A 92 -22.98 -3.58 16.01
C ALA A 92 -23.87 -4.75 16.43
N PRO A 93 -24.99 -4.47 17.08
CA PRO A 93 -25.90 -5.57 17.47
C PRO A 93 -26.49 -6.30 16.28
N ASP A 94 -26.58 -5.67 15.10
CA ASP A 94 -27.09 -6.35 13.93
C ASP A 94 -25.96 -6.84 13.00
N ALA A 95 -24.72 -6.94 13.50
CA ALA A 95 -23.62 -7.38 12.65
C ALA A 95 -23.89 -8.74 12.01
N ASP A 96 -24.41 -9.72 12.76
CA ASP A 96 -24.70 -11.02 12.14
C ASP A 96 -25.68 -10.88 10.98
N GLU A 97 -26.79 -10.16 11.20
CA GLU A 97 -27.80 -9.95 10.16
C GLU A 97 -27.22 -9.29 8.92
N LEU A 98 -26.41 -8.23 9.13
CA LEU A 98 -25.83 -7.50 8.01
C LEU A 98 -24.81 -8.34 7.25
N LEU A 99 -23.95 -9.07 7.97
CA LEU A 99 -22.90 -9.80 7.28
C LEU A 99 -23.38 -11.12 6.69
N ASN A 100 -24.39 -11.77 7.29
CA ASN A 100 -24.98 -12.92 6.64
C ASN A 100 -25.74 -12.51 5.39
N TRP A 101 -26.31 -11.29 5.36
CA TRP A 101 -26.85 -10.80 4.09
C TRP A 101 -25.72 -10.54 3.09
N LEU A 102 -24.62 -9.91 3.53
CA LEU A 102 -23.58 -9.50 2.59
C LEU A 102 -22.97 -10.72 1.89
N ARG A 103 -22.74 -11.80 2.64
CA ARG A 103 -22.10 -12.94 2.01
C ARG A 103 -23.00 -13.67 1.02
N ARG A 104 -24.30 -13.39 0.99
CA ARG A 104 -25.19 -14.00 0.00
CA ARG A 104 -25.23 -13.96 0.02
C ARG A 104 -25.31 -13.15 -1.27
N GLN A 105 -24.56 -12.05 -1.39
CA GLN A 105 -24.75 -11.22 -2.58
C GLN A 105 -23.88 -11.68 -3.72
N PRO A 106 -24.21 -11.30 -4.96
CA PRO A 106 -23.49 -11.85 -6.12
C PRO A 106 -22.08 -11.32 -6.28
N LEU A 107 -21.29 -12.02 -7.10
CA LEU A 107 -20.03 -11.51 -7.60
C LEU A 107 -20.18 -10.93 -9.00
N LEU A 108 -21.32 -11.16 -9.64
CA LEU A 108 -21.53 -10.81 -11.04
C LEU A 108 -22.99 -10.43 -11.23
N GLN A 109 -23.26 -9.31 -11.91
CA GLN A 109 -24.61 -8.90 -12.27
C GLN A 109 -24.69 -8.80 -13.80
N ILE A 110 -25.75 -9.35 -14.39
CA ILE A 110 -25.95 -9.29 -15.83
C ILE A 110 -27.37 -8.81 -16.11
N ASP A 111 -27.51 -7.83 -17.00
CA ASP A 111 -28.82 -7.38 -17.49
C ASP A 111 -28.80 -7.51 -19.00
N GLU A 112 -29.55 -8.48 -19.53
CA GLU A 112 -29.51 -8.77 -20.96
C GLU A 112 -30.17 -7.69 -21.79
N GLU A 113 -31.23 -7.06 -21.28
CA GLU A 113 -31.88 -6.00 -22.05
C GLU A 113 -30.99 -4.77 -22.18
N LYS A 114 -30.15 -4.50 -21.19
CA LYS A 114 -29.22 -3.39 -21.25
C LYS A 114 -27.90 -3.79 -21.88
N LYS A 115 -27.71 -5.09 -22.12
CA LYS A 115 -26.43 -5.67 -22.53
C LYS A 115 -25.32 -5.14 -21.63
N LEU A 116 -25.54 -5.33 -20.32
CA LEU A 116 -24.68 -4.73 -19.30
C LEU A 116 -24.24 -5.79 -18.30
N VAL A 117 -22.95 -5.85 -18.05
CA VAL A 117 -22.34 -6.76 -17.07
C VAL A 117 -21.62 -5.92 -16.03
N MET A 118 -21.70 -6.35 -14.75
CA MET A 118 -20.91 -5.67 -13.75
C MET A 118 -20.25 -6.69 -12.82
N ALA A 119 -18.99 -6.43 -12.51
CA ALA A 119 -18.26 -7.17 -11.48
C ALA A 119 -17.30 -6.18 -10.83
N HIS A 120 -16.75 -6.55 -9.68
CA HIS A 120 -15.96 -5.56 -8.95
C HIS A 120 -14.75 -5.10 -9.75
N ALA A 121 -13.94 -6.04 -10.23
CA ALA A 121 -12.73 -5.71 -10.96
C ALA A 121 -12.89 -5.75 -12.47
N GLY A 122 -13.98 -6.31 -12.98
CA GLY A 122 -14.17 -6.45 -14.41
C GLY A 122 -14.31 -7.90 -14.79
N ILE A 123 -14.15 -8.20 -16.08
CA ILE A 123 -14.26 -9.57 -16.60
C ILE A 123 -12.93 -9.91 -17.27
N THR A 124 -12.22 -10.92 -16.75
CA THR A 124 -10.97 -11.26 -17.40
C THR A 124 -11.20 -11.64 -18.87
N PRO A 125 -10.32 -11.23 -19.79
CA PRO A 125 -10.50 -11.61 -21.21
C PRO A 125 -10.38 -13.10 -21.44
N GLN A 126 -9.92 -13.87 -20.45
CA GLN A 126 -9.86 -15.32 -20.59
C GLN A 126 -11.21 -15.99 -20.39
N TRP A 127 -12.25 -15.23 -20.03
CA TRP A 127 -13.58 -15.78 -19.78
C TRP A 127 -14.56 -15.36 -20.85
N ASP A 128 -15.37 -16.32 -21.33
CA ASP A 128 -16.58 -15.98 -22.05
C ASP A 128 -17.71 -15.86 -21.02
N LEU A 129 -18.91 -15.49 -21.48
CA LEU A 129 -19.97 -15.18 -20.53
C LEU A 129 -20.41 -16.41 -19.76
N GLN A 130 -20.53 -17.57 -20.43
CA GLN A 130 -20.98 -18.77 -19.74
C GLN A 130 -20.00 -19.16 -18.64
N THR A 131 -18.71 -19.00 -18.89
CA THR A 131 -17.71 -19.33 -17.88
C THR A 131 -17.76 -18.36 -16.71
N ALA A 132 -17.88 -17.06 -17.00
CA ALA A 132 -18.02 -16.10 -15.90
C ALA A 132 -19.23 -16.42 -15.04
N LYS A 133 -20.35 -16.79 -15.66
CA LYS A 133 -21.55 -17.12 -14.88
C LYS A 133 -21.31 -18.35 -14.01
N GLU A 134 -20.69 -19.38 -14.59
CA GLU A 134 -20.45 -20.60 -13.84
C GLU A 134 -19.50 -20.35 -12.66
N CYS A 135 -18.44 -19.55 -12.89
CA CYS A 135 -17.50 -19.26 -11.82
C CYS A 135 -18.14 -18.41 -10.74
N ALA A 136 -18.92 -17.40 -11.13
CA ALA A 136 -19.62 -16.62 -10.12
C ALA A 136 -20.53 -17.52 -9.29
N ARG A 137 -21.27 -18.40 -9.94
CA ARG A 137 -22.18 -19.28 -9.20
C ARG A 137 -21.40 -20.15 -8.21
N ASP A 138 -20.24 -20.65 -8.62
CA ASP A 138 -19.48 -21.55 -7.74
C ASP A 138 -19.00 -20.83 -6.49
N VAL A 139 -18.49 -19.60 -6.63
CA VAL A 139 -17.97 -18.92 -5.46
C VAL A 139 -19.12 -18.37 -4.61
N GLU A 140 -20.19 -17.88 -5.25
CA GLU A 140 -21.38 -17.50 -4.50
C GLU A 140 -21.91 -18.67 -3.67
N ALA A 141 -21.84 -19.88 -4.22
CA ALA A 141 -22.32 -21.03 -3.46
C ALA A 141 -21.49 -21.26 -2.21
N VAL A 142 -20.16 -21.14 -2.31
CA VAL A 142 -19.37 -21.37 -1.09
C VAL A 142 -19.60 -20.23 -0.09
N LEU A 143 -19.74 -18.99 -0.57
CA LEU A 143 -19.91 -17.87 0.35
C LEU A 143 -21.26 -17.91 1.06
N SER A 144 -22.28 -18.45 0.42
CA SER A 144 -23.61 -18.53 1.00
CA SER A 144 -23.59 -18.50 1.03
C SER A 144 -23.82 -19.76 1.86
N SER A 145 -22.85 -20.65 1.92
CA SER A 145 -23.00 -21.90 2.68
C SER A 145 -22.58 -21.74 4.13
N ASP A 146 -22.97 -22.72 4.95
CA ASP A 146 -22.56 -22.70 6.36
C ASP A 146 -21.06 -22.81 6.53
N SER A 147 -20.36 -23.29 5.51
CA SER A 147 -18.93 -23.55 5.56
C SER A 147 -18.11 -22.39 5.00
N TYR A 148 -18.69 -21.21 4.87
CA TYR A 148 -17.98 -20.12 4.23
C TYR A 148 -16.65 -19.70 4.89
N PRO A 149 -16.42 -19.86 6.20
CA PRO A 149 -15.10 -19.48 6.72
C PRO A 149 -13.96 -20.30 6.14
N PHE A 150 -14.18 -21.59 5.85
CA PHE A 150 -13.14 -22.38 5.17
C PHE A 150 -12.76 -21.78 3.82
N PHE A 151 -13.77 -21.38 3.00
CA PHE A 151 -13.43 -20.78 1.72
C PHE A 151 -12.74 -19.44 1.90
N LEU A 152 -13.22 -18.63 2.86
CA LEU A 152 -12.57 -17.33 3.04
C LEU A 152 -11.10 -17.51 3.38
N ASP A 153 -10.77 -18.55 4.13
CA ASP A 153 -9.36 -18.80 4.44
C ASP A 153 -8.61 -19.25 3.20
N ALA A 154 -9.27 -20.07 2.37
CA ALA A 154 -8.58 -20.58 1.19
C ALA A 154 -8.37 -19.50 0.13
N MET A 155 -9.20 -18.47 0.13
CA MET A 155 -9.26 -17.46 -0.93
C MET A 155 -7.96 -16.67 -1.07
N TYR A 156 -7.20 -16.55 0.01
CA TYR A 156 -5.99 -15.73 -0.03
C TYR A 156 -4.92 -16.44 -0.85
N GLY A 157 -4.25 -15.70 -1.72
CA GLY A 157 -3.21 -16.25 -2.57
C GLY A 157 -3.19 -15.55 -3.90
N ASP A 158 -2.03 -15.63 -4.57
CA ASP A 158 -1.82 -14.97 -5.85
C ASP A 158 -1.74 -15.92 -7.04
N MET A 159 -1.75 -17.23 -6.82
CA MET A 159 -1.67 -18.23 -7.86
C MET A 159 -2.83 -19.22 -7.76
N PRO A 160 -3.24 -19.84 -8.87
CA PRO A 160 -2.73 -19.68 -10.24
C PRO A 160 -3.25 -18.39 -10.83
N ASN A 161 -2.58 -17.84 -11.84
CA ASN A 161 -2.99 -16.58 -12.44
C ASN A 161 -3.40 -16.75 -13.88
N ASN A 162 -3.56 -17.97 -14.34
CA ASN A 162 -3.97 -18.30 -15.70
C ASN A 162 -5.18 -19.20 -15.67
N TRP A 163 -6.25 -18.81 -16.36
CA TRP A 163 -7.46 -19.64 -16.40
C TRP A 163 -7.29 -20.87 -17.28
N SER A 164 -7.84 -21.99 -16.81
CA SER A 164 -8.10 -23.18 -17.60
C SER A 164 -9.38 -23.85 -17.11
N PRO A 165 -10.23 -24.37 -18.00
CA PRO A 165 -11.37 -25.18 -17.54
C PRO A 165 -10.95 -26.39 -16.77
N GLU A 166 -9.68 -26.79 -16.87
CA GLU A 166 -9.16 -27.95 -16.16
C GLU A 166 -8.76 -27.62 -14.72
N LEU A 167 -8.76 -26.34 -14.34
CA LEU A 167 -8.42 -25.98 -12.96
C LEU A 167 -9.39 -26.64 -12.00
N ARG A 168 -8.88 -27.05 -10.85
CA ARG A 168 -9.71 -27.73 -9.87
C ARG A 168 -9.38 -27.23 -8.49
N GLY A 169 -10.32 -27.39 -7.58
CA GLY A 169 -9.99 -27.23 -6.17
C GLY A 169 -9.61 -25.81 -5.74
N LEU A 170 -8.66 -25.76 -4.80
CA LEU A 170 -8.27 -24.47 -4.20
C LEU A 170 -7.84 -23.48 -5.27
N GLY A 171 -7.03 -23.94 -6.23
CA GLY A 171 -6.52 -23.05 -7.26
C GLY A 171 -7.63 -22.47 -8.12
N ARG A 172 -8.63 -23.30 -8.42
CA ARG A 172 -9.77 -22.80 -9.20
C ARG A 172 -10.50 -21.70 -8.45
N LEU A 173 -10.82 -21.93 -7.16
CA LEU A 173 -11.53 -20.88 -6.40
C LEU A 173 -10.69 -19.63 -6.23
N ARG A 174 -9.40 -19.80 -6.01
CA ARG A 174 -8.53 -18.64 -5.82
C ARG A 174 -8.44 -17.81 -7.09
N PHE A 175 -8.31 -18.48 -8.24
CA PHE A 175 -8.29 -17.74 -9.49
C PHE A 175 -9.59 -16.97 -9.67
N ILE A 176 -10.73 -17.64 -9.44
CA ILE A 176 -12.03 -16.99 -9.66
C ILE A 176 -12.14 -15.74 -8.81
N THR A 177 -11.79 -15.86 -7.53
CA THR A 177 -11.85 -14.73 -6.60
C THR A 177 -10.95 -13.60 -7.05
N ASN A 178 -9.73 -13.92 -7.50
CA ASN A 178 -8.82 -12.86 -7.90
C ASN A 178 -9.29 -12.16 -9.18
N ALA A 179 -9.81 -12.94 -10.13
CA ALA A 179 -10.31 -12.37 -11.38
C ALA A 179 -11.47 -11.41 -11.13
N PHE A 180 -12.41 -11.80 -10.26
CA PHE A 180 -13.57 -10.93 -10.03
C PHE A 180 -13.26 -9.75 -9.12
N THR A 181 -12.33 -9.90 -8.15
CA THR A 181 -12.21 -8.87 -7.11
C THR A 181 -10.85 -8.21 -6.99
N ARG A 182 -9.81 -8.68 -7.70
CA ARG A 182 -8.48 -8.10 -7.55
C ARG A 182 -7.81 -7.68 -8.86
N MET A 183 -8.29 -8.19 -10.00
CA MET A 183 -7.73 -7.92 -11.33
C MET A 183 -7.51 -6.44 -11.62
N ARG A 184 -6.33 -6.13 -12.15
CA ARG A 184 -6.11 -4.85 -12.82
C ARG A 184 -5.39 -5.14 -14.15
N PHE A 185 -4.11 -5.51 -14.06
CA PHE A 185 -3.28 -5.72 -15.24
C PHE A 185 -3.23 -7.18 -15.67
N CYS A 186 -3.04 -7.37 -16.97
CA CYS A 186 -2.85 -8.67 -17.59
C CYS A 186 -1.56 -8.68 -18.39
N PHE A 187 -0.97 -9.87 -18.50
CA PHE A 187 0.05 -10.13 -19.50
C PHE A 187 -0.62 -10.30 -20.86
N PRO A 188 0.13 -10.23 -21.97
CA PRO A 188 -0.51 -10.31 -23.29
C PRO A 188 -1.39 -11.52 -23.51
N ASN A 189 -1.10 -12.66 -22.87
CA ASN A 189 -1.92 -13.84 -23.04
C ASN A 189 -3.16 -13.82 -22.15
N GLY A 190 -3.40 -12.74 -21.42
CA GLY A 190 -4.56 -12.65 -20.54
C GLY A 190 -4.28 -13.02 -19.10
N GLN A 191 -3.08 -13.52 -18.79
CA GLN A 191 -2.78 -13.97 -17.44
C GLN A 191 -2.76 -12.79 -16.46
N LEU A 192 -3.27 -13.02 -15.25
CA LEU A 192 -3.35 -11.94 -14.26
C LEU A 192 -1.99 -11.60 -13.67
N ASP A 193 -1.73 -10.31 -13.50
CA ASP A 193 -0.65 -9.84 -12.64
C ASP A 193 -1.25 -9.37 -11.32
N MET A 194 -0.76 -9.90 -10.21
CA MET A 194 -1.36 -9.61 -8.91
CA MET A 194 -1.35 -9.63 -8.90
C MET A 194 -0.58 -8.59 -8.09
N TYR A 195 0.39 -7.90 -8.69
CA TYR A 195 1.22 -6.99 -7.91
C TYR A 195 1.06 -5.53 -8.25
N SER A 196 0.99 -5.20 -9.54
CA SER A 196 0.99 -3.80 -9.95
C SER A 196 -0.40 -3.19 -9.77
N LYS A 197 -0.44 -2.05 -9.09
CA LYS A 197 -1.68 -1.33 -8.80
C LYS A 197 -1.64 0.08 -9.36
N GLU A 198 -0.67 0.38 -10.23
CA GLU A 198 -0.48 1.73 -10.71
C GLU A 198 -1.46 2.03 -11.84
N SER A 199 -1.45 3.28 -12.31
CA SER A 199 -2.20 3.65 -13.49
C SER A 199 -1.58 2.98 -14.72
N PRO A 200 -2.36 2.84 -15.81
CA PRO A 200 -1.82 2.16 -16.99
C PRO A 200 -0.56 2.79 -17.54
N GLU A 201 -0.45 4.12 -17.51
CA GLU A 201 0.75 4.78 -18.05
C GLU A 201 1.98 4.48 -17.21
N GLU A 202 1.82 4.23 -15.91
CA GLU A 202 2.91 4.02 -14.98
C GLU A 202 3.29 2.55 -14.81
N ALA A 203 2.58 1.65 -15.46
CA ALA A 203 2.84 0.23 -15.28
C ALA A 203 4.07 -0.22 -16.07
N PRO A 204 4.80 -1.19 -15.55
CA PRO A 204 5.91 -1.76 -16.33
C PRO A 204 5.40 -2.62 -17.46
N ALA A 205 6.08 -2.52 -18.61
CA ALA A 205 5.79 -3.40 -19.73
C ALA A 205 6.11 -4.85 -19.34
N PRO A 206 5.44 -5.83 -19.95
CA PRO A 206 4.41 -5.74 -20.98
C PRO A 206 3.01 -5.72 -20.40
N LEU A 207 2.82 -5.20 -19.18
CA LEU A 207 1.50 -5.22 -18.57
C LEU A 207 0.57 -4.24 -19.28
N LYS A 208 -0.68 -4.65 -19.47
CA LYS A 208 -1.72 -3.84 -20.04
C LYS A 208 -2.99 -4.04 -19.22
N PRO A 209 -3.88 -3.06 -19.19
CA PRO A 209 -5.15 -3.25 -18.48
C PRO A 209 -5.92 -4.42 -19.08
N TRP A 210 -6.65 -5.14 -18.19
CA TRP A 210 -7.46 -6.25 -18.64
C TRP A 210 -8.40 -5.83 -19.77
N PHE A 211 -8.88 -4.59 -19.73
CA PHE A 211 -9.84 -4.18 -20.73
C PHE A 211 -9.18 -3.78 -22.03
N ALA A 212 -7.86 -3.75 -22.09
CA ALA A 212 -7.14 -3.46 -23.33
C ALA A 212 -6.88 -4.72 -24.16
N ILE A 213 -7.24 -5.88 -23.64
CA ILE A 213 -7.10 -7.16 -24.31
C ILE A 213 -8.50 -7.58 -24.76
N PRO A 214 -8.74 -7.76 -26.06
CA PRO A 214 -10.09 -8.11 -26.51
C PRO A 214 -10.54 -9.45 -25.92
N GLY A 215 -11.73 -9.45 -25.32
CA GLY A 215 -12.28 -10.64 -24.74
C GLY A 215 -13.72 -10.80 -25.17
N PRO A 216 -14.23 -12.03 -25.13
CA PRO A 216 -15.56 -12.29 -25.72
C PRO A 216 -16.69 -11.60 -25.00
N VAL A 217 -16.59 -11.38 -23.68
CA VAL A 217 -17.68 -10.70 -22.99
C VAL A 217 -17.73 -9.24 -23.41
N ALA A 218 -16.59 -8.59 -23.40
CA ALA A 218 -16.52 -7.17 -23.72
C ALA A 218 -16.87 -6.89 -25.17
N GLU A 219 -16.73 -7.88 -26.06
CA GLU A 219 -17.16 -7.69 -27.45
C GLU A 219 -18.67 -7.61 -27.60
N GLU A 220 -19.43 -8.20 -26.68
CA GLU A 220 -20.88 -8.27 -26.78
C GLU A 220 -21.60 -7.42 -25.73
N TYR A 221 -20.96 -7.16 -24.60
CA TYR A 221 -21.60 -6.47 -23.47
C TYR A 221 -20.78 -5.25 -23.07
N SER A 222 -21.48 -4.24 -22.55
CA SER A 222 -20.80 -3.20 -21.79
C SER A 222 -20.40 -3.78 -20.44
N ILE A 223 -19.26 -3.33 -19.90
CA ILE A 223 -18.82 -3.80 -18.58
C ILE A 223 -18.63 -2.60 -17.67
N ALA A 224 -19.30 -2.60 -16.52
CA ALA A 224 -19.09 -1.60 -15.48
C ALA A 224 -18.33 -2.24 -14.34
N PHE A 225 -17.38 -1.51 -13.76
CA PHE A 225 -16.59 -2.07 -12.66
C PHE A 225 -16.11 -0.94 -11.77
N GLY A 226 -15.57 -1.31 -10.61
CA GLY A 226 -14.97 -0.32 -9.74
C GLY A 226 -13.50 -0.66 -9.49
N HIS A 227 -13.12 -0.78 -8.21
CA HIS A 227 -11.86 -1.38 -7.78
C HIS A 227 -10.59 -0.58 -8.09
N TRP A 228 -10.37 -0.21 -9.34
CA TRP A 228 -9.07 0.28 -9.80
C TRP A 228 -9.00 1.80 -9.63
N ALA A 229 -8.69 2.23 -8.41
CA ALA A 229 -8.79 3.66 -8.10
C ALA A 229 -7.73 4.48 -8.82
N SER A 230 -6.53 3.91 -9.04
CA SER A 230 -5.48 4.68 -9.71
C SER A 230 -5.80 4.93 -11.18
N LEU A 231 -6.81 4.24 -11.72
CA LEU A 231 -7.30 4.56 -13.06
C LEU A 231 -8.05 5.87 -13.09
N GLU A 232 -8.56 6.33 -11.95
CA GLU A 232 -9.30 7.59 -11.83
C GLU A 232 -10.49 7.65 -12.78
N GLY A 233 -11.03 6.49 -13.14
CA GLY A 233 -12.21 6.39 -13.98
C GLY A 233 -12.03 6.81 -15.42
N LYS A 234 -10.81 6.96 -15.91
CA LYS A 234 -10.56 7.43 -17.27
C LYS A 234 -9.68 6.44 -18.01
N GLY A 235 -9.54 6.64 -19.32
CA GLY A 235 -8.63 5.85 -20.09
C GLY A 235 -9.19 4.52 -20.55
N THR A 236 -10.51 4.37 -20.57
CA THR A 236 -11.12 3.11 -20.95
C THR A 236 -11.68 3.17 -22.35
N PRO A 237 -11.80 2.03 -23.02
CA PRO A 237 -12.41 2.00 -24.36
C PRO A 237 -13.91 2.20 -24.28
N GLU A 238 -14.51 2.39 -25.46
CA GLU A 238 -15.96 2.43 -25.55
C GLU A 238 -16.55 1.15 -24.99
N GLY A 239 -17.58 1.29 -24.17
CA GLY A 239 -18.26 0.14 -23.60
C GLY A 239 -17.68 -0.33 -22.28
N ILE A 240 -16.63 0.31 -21.80
CA ILE A 240 -15.99 -0.05 -20.53
C ILE A 240 -16.14 1.15 -19.60
N TYR A 241 -16.75 0.94 -18.43
CA TYR A 241 -17.07 2.01 -17.49
C TYR A 241 -16.36 1.77 -16.15
N ALA A 242 -15.29 2.53 -15.92
CA ALA A 242 -14.53 2.45 -14.67
C ALA A 242 -15.10 3.46 -13.69
N LEU A 243 -15.88 2.98 -12.73
CA LEU A 243 -16.63 3.89 -11.88
C LEU A 243 -15.95 4.27 -10.57
N ASP A 244 -14.82 3.65 -10.21
CA ASP A 244 -14.16 3.97 -8.94
C ASP A 244 -13.24 5.18 -9.11
N THR A 245 -13.70 6.34 -8.65
CA THR A 245 -12.93 7.58 -8.71
C THR A 245 -12.39 7.99 -7.34
N GLY A 246 -12.26 7.03 -6.43
CA GLY A 246 -11.46 7.19 -5.22
C GLY A 246 -12.06 8.04 -4.12
N CYS A 247 -13.36 7.91 -3.86
CA CYS A 247 -13.98 8.80 -2.89
C CYS A 247 -13.30 8.72 -1.51
N CYS A 248 -13.01 7.51 -1.04
CA CYS A 248 -12.41 7.37 0.30
C CYS A 248 -10.99 7.91 0.36
N TRP A 249 -10.36 8.14 -0.79
CA TRP A 249 -9.00 8.64 -0.88
C TRP A 249 -8.94 10.16 -1.01
N GLY A 250 -10.07 10.85 -0.90
CA GLY A 250 -10.12 12.26 -1.18
C GLY A 250 -10.43 12.59 -2.63
N GLY A 251 -10.80 11.60 -3.43
CA GLY A 251 -11.24 11.84 -4.79
C GLY A 251 -12.71 12.18 -4.83
N THR A 252 -13.49 11.43 -5.62
CA THR A 252 -14.91 11.70 -5.78
C THR A 252 -15.68 10.39 -5.81
N LEU A 253 -16.97 10.47 -5.51
CA LEU A 253 -17.88 9.36 -5.76
C LEU A 253 -18.60 9.64 -7.07
N THR A 254 -18.59 8.66 -7.97
CA THR A 254 -19.18 8.82 -9.30
C THR A 254 -20.43 7.96 -9.47
N CYS A 255 -21.45 8.57 -10.09
CA CYS A 255 -22.70 7.90 -10.43
C CYS A 255 -22.94 8.07 -11.92
N LEU A 256 -23.23 6.98 -12.59
CA LEU A 256 -23.55 6.98 -14.02
C LEU A 256 -25.02 6.61 -14.17
N ARG A 257 -25.79 7.44 -14.87
CA ARG A 257 -27.14 7.05 -15.22
C ARG A 257 -27.12 6.36 -16.58
N TRP A 258 -27.68 5.14 -16.63
CA TRP A 258 -27.48 4.29 -17.79
C TRP A 258 -28.25 4.79 -19.01
N GLU A 259 -29.46 5.32 -18.80
CA GLU A 259 -30.31 5.61 -19.94
C GLU A 259 -29.70 6.66 -20.86
N ASP A 260 -29.04 7.67 -20.29
CA ASP A 260 -28.43 8.73 -21.08
C ASP A 260 -26.92 8.82 -20.90
N LYS A 261 -26.33 7.85 -20.22
CA LYS A 261 -24.89 7.87 -19.93
C LYS A 261 -24.46 9.21 -19.34
N GLN A 262 -25.27 9.72 -18.42
CA GLN A 262 -24.96 11.01 -17.80
C GLN A 262 -24.26 10.77 -16.47
N TYR A 263 -23.16 11.48 -16.22
CA TYR A 263 -22.40 11.32 -14.99
C TYR A 263 -22.77 12.40 -13.98
N PHE A 264 -22.79 12.01 -12.70
CA PHE A 264 -23.01 12.89 -11.57
C PHE A 264 -21.90 12.58 -10.56
N VAL A 265 -21.33 13.62 -9.95
CA VAL A 265 -20.15 13.45 -9.12
C VAL A 265 -20.38 14.10 -7.77
N GLN A 266 -19.95 13.42 -6.71
CA GLN A 266 -20.03 13.95 -5.35
C GLN A 266 -18.60 14.09 -4.82
N PRO A 267 -18.15 15.29 -4.51
CA PRO A 267 -16.80 15.44 -3.98
C PRO A 267 -16.64 14.75 -2.62
N SER A 268 -15.43 14.28 -2.35
CA SER A 268 -15.12 13.68 -1.06
C SER A 268 -15.23 14.74 0.02
N ASN A 269 -15.74 14.33 1.18
CA ASN A 269 -15.81 15.25 2.29
C ASN A 269 -14.49 15.35 3.03
N ARG A 270 -13.60 14.38 2.83
CA ARG A 270 -12.28 14.42 3.42
C ARG A 270 -11.18 14.76 2.38
N ALA B 2 32.76 18.76 12.80
CA ALA B 2 31.35 18.88 13.18
C ALA B 2 30.58 17.65 12.68
N THR B 3 29.44 17.39 13.30
CA THR B 3 28.57 16.25 12.98
C THR B 3 27.23 16.77 12.50
N TYR B 4 26.80 16.34 11.31
CA TYR B 4 25.54 16.77 10.73
C TYR B 4 24.68 15.56 10.47
N LEU B 5 23.39 15.65 10.81
CA LEU B 5 22.41 14.59 10.57
C LEU B 5 21.37 15.15 9.61
N ILE B 6 21.16 14.48 8.47
CA ILE B 6 20.19 14.95 7.49
C ILE B 6 19.14 13.86 7.24
N GLY B 7 17.88 14.27 7.09
CA GLY B 7 16.78 13.35 6.85
C GLY B 7 16.69 12.91 5.39
N ASP B 8 15.54 12.31 5.05
CA ASP B 8 15.40 11.59 3.77
C ASP B 8 15.66 12.53 2.59
N VAL B 9 16.62 12.17 1.74
CA VAL B 9 16.99 13.03 0.62
C VAL B 9 16.10 12.78 -0.61
N HIS B 10 15.72 11.53 -0.86
CA HIS B 10 14.80 11.19 -1.95
C HIS B 10 15.16 11.88 -3.27
N GLY B 11 16.41 11.73 -3.68
CA GLY B 11 16.81 12.27 -4.99
C GLY B 11 16.90 13.78 -5.06
N CYS B 12 16.80 14.49 -3.94
CA CYS B 12 16.83 15.95 -3.97
C CYS B 12 18.28 16.41 -3.83
N TYR B 13 19.06 16.14 -4.88
CA TYR B 13 20.49 16.40 -4.88
C TYR B 13 20.80 17.88 -4.71
N ASP B 14 20.09 18.75 -5.45
CA ASP B 14 20.43 20.17 -5.38
C ASP B 14 20.16 20.73 -3.98
N GLU B 15 19.08 20.28 -3.35
CA GLU B 15 18.78 20.73 -1.99
C GLU B 15 19.81 20.21 -1.01
N LEU B 16 20.24 18.95 -1.18
CA LEU B 16 21.26 18.41 -0.29
C LEU B 16 22.54 19.24 -0.37
N ILE B 17 23.00 19.53 -1.60
CA ILE B 17 24.25 20.27 -1.73
C ILE B 17 24.09 21.69 -1.19
N ALA B 18 22.93 22.32 -1.44
CA ALA B 18 22.74 23.67 -0.92
C ALA B 18 22.80 23.70 0.60
N LEU B 19 22.18 22.69 1.24
CA LEU B 19 22.23 22.61 2.70
C LEU B 19 23.65 22.35 3.21
N LEU B 20 24.38 21.43 2.58
CA LEU B 20 25.75 21.18 3.00
C LEU B 20 26.64 22.40 2.79
N HIS B 21 26.42 23.17 1.73
CA HIS B 21 27.22 24.38 1.54
C HIS B 21 26.87 25.42 2.59
N LYS B 22 25.61 25.48 3.00
CA LYS B 22 25.20 26.43 4.04
C LYS B 22 25.97 26.18 5.34
N VAL B 23 26.17 24.91 5.72
CA VAL B 23 26.91 24.60 6.95
C VAL B 23 28.41 24.43 6.68
N GLU B 24 28.87 24.64 5.45
CA GLU B 24 30.27 24.48 5.06
C GLU B 24 30.81 23.10 5.43
N PHE B 25 30.01 22.08 5.08
CA PHE B 25 30.41 20.70 5.31
C PHE B 25 31.74 20.39 4.62
N THR B 26 32.69 19.89 5.39
CA THR B 26 34.05 19.63 4.92
C THR B 26 34.47 18.20 5.25
N PRO B 27 34.39 17.29 4.29
CA PRO B 27 34.84 15.90 4.54
C PRO B 27 36.26 15.88 5.10
N GLY B 28 36.48 14.99 6.06
CA GLY B 28 37.75 14.94 6.75
C GLY B 28 37.79 15.73 8.04
N LYS B 29 37.04 16.82 8.11
CA LYS B 29 36.82 17.55 9.36
C LYS B 29 35.44 17.28 9.93
N ASP B 30 34.49 16.93 9.07
CA ASP B 30 33.09 16.80 9.45
C ASP B 30 32.59 15.41 9.06
N THR B 31 31.53 14.96 9.73
CA THR B 31 30.91 13.69 9.37
C THR B 31 29.43 13.94 9.13
N LEU B 32 28.88 13.31 8.09
CA LEU B 32 27.47 13.45 7.76
C LEU B 32 26.76 12.13 8.04
N TRP B 33 25.66 12.18 8.79
CA TRP B 33 24.79 11.02 9.00
C TRP B 33 23.55 11.22 8.13
N LEU B 34 23.13 10.16 7.42
CA LEU B 34 21.95 10.24 6.56
C LEU B 34 20.96 9.15 6.94
N THR B 35 19.69 9.51 7.08
CA THR B 35 18.68 8.58 7.56
C THR B 35 18.21 7.59 6.51
N GLY B 36 18.76 7.63 5.31
CA GLY B 36 18.32 6.70 4.28
C GLY B 36 17.23 7.30 3.42
N ASP B 37 16.63 6.44 2.58
CA ASP B 37 15.77 6.89 1.48
C ASP B 37 16.49 8.00 0.69
N LEU B 38 17.68 7.64 0.22
CA LEU B 38 18.50 8.52 -0.60
C LEU B 38 17.88 8.77 -1.95
N VAL B 39 17.02 7.85 -2.42
CA VAL B 39 16.60 7.78 -3.81
C VAL B 39 15.08 7.81 -3.90
N ALA B 40 14.61 7.98 -5.14
CA ALA B 40 13.21 7.95 -5.57
C ALA B 40 12.49 9.26 -5.32
N ARG B 41 11.51 9.53 -6.18
CA ARG B 41 10.61 10.69 -6.15
C ARG B 41 11.30 11.96 -6.64
N GLY B 42 12.41 12.36 -6.02
CA GLY B 42 13.17 13.49 -6.52
C GLY B 42 13.87 13.14 -7.81
N PRO B 43 14.45 14.15 -8.49
CA PRO B 43 14.99 13.93 -9.84
C PRO B 43 16.43 13.43 -9.88
N GLY B 44 17.17 13.56 -8.77
CA GLY B 44 18.60 13.31 -8.82
C GLY B 44 19.12 12.13 -8.02
N SER B 45 18.40 11.00 -8.01
CA SER B 45 18.90 9.82 -7.29
C SER B 45 20.29 9.41 -7.73
N LEU B 46 20.58 9.52 -9.04
CA LEU B 46 21.90 9.11 -9.52
C LEU B 46 23.00 10.00 -8.93
N ASP B 47 22.76 11.32 -8.93
CA ASP B 47 23.73 12.25 -8.38
C ASP B 47 23.90 12.05 -6.88
N VAL B 48 22.79 11.80 -6.18
CA VAL B 48 22.87 11.56 -4.73
C VAL B 48 23.75 10.36 -4.44
N LEU B 49 23.50 9.22 -5.12
CA LEU B 49 24.33 8.05 -4.81
C LEU B 49 25.80 8.27 -5.18
N ARG B 50 26.06 8.90 -6.33
CA ARG B 50 27.45 9.15 -6.68
C ARG B 50 28.14 10.00 -5.61
N TYR B 51 27.49 11.07 -5.19
CA TYR B 51 28.12 11.96 -4.21
C TYR B 51 28.31 11.24 -2.87
N VAL B 52 27.26 10.58 -2.38
CA VAL B 52 27.36 9.97 -1.04
C VAL B 52 28.42 8.88 -1.04
N LYS B 53 28.48 8.06 -2.10
CA LYS B 53 29.54 7.07 -2.15
C LYS B 53 30.92 7.72 -2.15
N SER B 54 31.06 8.86 -2.84
CA SER B 54 32.38 9.50 -2.89
C SER B 54 32.83 10.02 -1.53
N LEU B 55 31.90 10.20 -0.59
CA LEU B 55 32.29 10.71 0.74
C LEU B 55 33.02 9.68 1.60
N GLY B 56 32.88 8.38 1.33
CA GLY B 56 33.64 7.39 2.07
C GLY B 56 33.35 7.46 3.56
N ASP B 57 34.42 7.48 4.39
CA ASP B 57 34.25 7.50 5.83
C ASP B 57 33.65 8.78 6.38
N SER B 58 33.48 9.81 5.55
CA SER B 58 32.87 11.03 6.05
C SER B 58 31.35 10.95 6.06
N VAL B 59 30.77 9.83 5.65
CA VAL B 59 29.32 9.67 5.74
C VAL B 59 29.00 8.36 6.46
N ARG B 60 27.98 8.43 7.31
CA ARG B 60 27.40 7.29 8.03
C ARG B 60 25.94 7.17 7.59
N LEU B 61 25.65 6.21 6.72
CA LEU B 61 24.33 6.00 6.13
C LEU B 61 23.62 4.84 6.83
N VAL B 62 22.29 4.92 6.89
CA VAL B 62 21.48 3.71 7.09
C VAL B 62 20.54 3.55 5.90
N LEU B 63 20.23 2.31 5.55
CA LEU B 63 19.33 2.08 4.42
C LEU B 63 17.85 2.24 4.83
N GLY B 64 17.07 2.83 3.92
CA GLY B 64 15.64 2.98 4.06
C GLY B 64 14.86 2.04 3.14
N ASN B 65 13.53 2.11 3.26
CA ASN B 65 12.68 1.23 2.46
C ASN B 65 12.78 1.52 0.96
N HIS B 66 12.97 2.78 0.58
CA HIS B 66 13.12 3.08 -0.85
C HIS B 66 14.49 2.66 -1.39
N ASP B 67 15.52 2.67 -0.53
CA ASP B 67 16.82 2.14 -0.94
C ASP B 67 16.72 0.64 -1.20
N LEU B 68 16.02 -0.06 -0.31
CA LEU B 68 15.83 -1.50 -0.50
C LEU B 68 14.97 -1.78 -1.74
N HIS B 69 13.93 -0.98 -1.99
CA HIS B 69 13.15 -1.16 -3.21
C HIS B 69 14.02 -0.98 -4.45
N LEU B 70 14.87 0.05 -4.47
CA LEU B 70 15.79 0.23 -5.59
C LEU B 70 16.65 -1.01 -5.80
N LEU B 71 17.20 -1.56 -4.71
CA LEU B 71 18.01 -2.77 -4.82
C LEU B 71 17.20 -3.92 -5.39
N ALA B 72 15.94 -4.05 -5.01
CA ALA B 72 15.09 -5.12 -5.55
C ALA B 72 14.84 -4.94 -7.04
N VAL B 73 14.66 -3.69 -7.49
CA VAL B 73 14.48 -3.45 -8.93
C VAL B 73 15.78 -3.78 -9.66
N PHE B 74 16.91 -3.36 -9.09
CA PHE B 74 18.22 -3.63 -9.66
C PHE B 74 18.44 -5.12 -9.83
N ALA B 75 18.02 -5.92 -8.85
CA ALA B 75 18.21 -7.36 -8.86
C ALA B 75 17.15 -8.11 -9.68
N GLY B 76 16.20 -7.40 -10.28
CA GLY B 76 15.15 -8.05 -11.07
C GLY B 76 14.06 -8.69 -10.25
N ILE B 77 14.01 -8.41 -8.96
CA ILE B 77 12.98 -8.94 -8.07
C ILE B 77 11.68 -8.15 -8.21
N SER B 78 11.80 -6.83 -8.41
CA SER B 78 10.64 -5.94 -8.41
C SER B 78 10.71 -5.11 -9.68
N ARG B 79 9.54 -4.69 -10.14
CA ARG B 79 9.50 -3.97 -11.41
C ARG B 79 9.67 -2.47 -11.20
N ASN B 80 10.37 -1.84 -12.13
CA ASN B 80 10.63 -0.41 -12.05
C ASN B 80 9.35 0.39 -12.33
N LYS B 81 8.99 1.27 -11.41
CA LYS B 81 7.88 2.19 -11.66
C LYS B 81 8.48 3.50 -12.17
N PRO B 82 8.17 3.94 -13.40
CA PRO B 82 8.85 5.13 -13.95
C PRO B 82 8.67 6.39 -13.11
N LYS B 83 7.51 6.56 -12.47
CA LYS B 83 7.26 7.75 -11.66
C LYS B 83 8.23 7.85 -10.48
N ASP B 84 8.90 6.76 -10.11
CA ASP B 84 9.89 6.80 -9.04
C ASP B 84 11.15 7.55 -9.45
N ARG B 85 11.36 7.70 -10.77
CA ARG B 85 12.51 8.42 -11.33
CA ARG B 85 12.51 8.43 -11.32
C ARG B 85 13.83 7.74 -11.00
N LEU B 86 13.82 6.40 -10.97
CA LEU B 86 15.05 5.65 -10.79
C LEU B 86 15.69 5.21 -12.09
N THR B 87 15.04 5.41 -13.23
CA THR B 87 15.57 4.85 -14.48
C THR B 87 16.95 5.42 -14.83
N PRO B 88 17.24 6.71 -14.66
CA PRO B 88 18.60 7.18 -14.99
C PRO B 88 19.66 6.46 -14.20
N LEU B 89 19.42 6.23 -12.90
CA LEU B 89 20.37 5.50 -12.08
C LEU B 89 20.50 4.06 -12.54
N LEU B 90 19.38 3.38 -12.79
CA LEU B 90 19.45 1.97 -13.18
C LEU B 90 20.16 1.78 -14.51
N GLU B 91 20.08 2.76 -15.40
CA GLU B 91 20.67 2.67 -16.73
C GLU B 91 22.05 3.29 -16.82
N ALA B 92 22.57 3.84 -15.71
CA ALA B 92 23.86 4.49 -15.74
C ALA B 92 24.97 3.47 -15.94
N PRO B 93 26.08 3.86 -16.57
CA PRO B 93 27.19 2.92 -16.75
C PRO B 93 27.80 2.47 -15.45
N ASP B 94 27.70 3.26 -14.38
CA ASP B 94 28.22 2.88 -13.08
C ASP B 94 27.15 2.32 -12.14
N ALA B 95 26.01 1.89 -12.68
CA ALA B 95 24.95 1.37 -11.82
C ALA B 95 25.44 0.21 -10.96
N ASP B 96 26.18 -0.74 -11.54
CA ASP B 96 26.66 -1.88 -10.75
C ASP B 96 27.53 -1.43 -9.58
N GLU B 97 28.48 -0.53 -9.84
CA GLU B 97 29.36 -0.05 -8.78
C GLU B 97 28.56 0.65 -7.68
N LEU B 98 27.61 1.50 -8.06
CA LEU B 98 26.85 2.26 -7.08
C LEU B 98 25.94 1.35 -6.26
N LEU B 99 25.26 0.40 -6.90
CA LEU B 99 24.28 -0.40 -6.16
C LEU B 99 24.92 -1.55 -5.40
N ASN B 100 26.04 -2.09 -5.89
CA ASN B 100 26.80 -3.02 -5.06
C ASN B 100 27.40 -2.31 -3.86
N TRP B 101 27.73 -1.03 -3.96
CA TRP B 101 28.11 -0.27 -2.76
C TRP B 101 26.92 -0.07 -1.84
N LEU B 102 25.77 0.30 -2.40
CA LEU B 102 24.62 0.64 -1.55
C LEU B 102 24.21 -0.55 -0.71
N ARG B 103 24.22 -1.76 -1.31
CA ARG B 103 23.74 -2.92 -0.57
C ARG B 103 24.66 -3.36 0.54
N ARG B 104 25.89 -2.83 0.60
CA ARG B 104 26.82 -3.10 1.69
C ARG B 104 26.70 -2.10 2.82
N GLN B 105 25.74 -1.15 2.75
CA GLN B 105 25.70 -0.14 3.80
C GLN B 105 24.84 -0.60 4.97
N PRO B 106 25.01 0.01 6.15
CA PRO B 106 24.33 -0.51 7.36
C PRO B 106 22.83 -0.23 7.38
N LEU B 107 22.14 -0.96 8.27
CA LEU B 107 20.79 -0.62 8.66
C LEU B 107 20.74 0.17 9.95
N LEU B 108 21.86 0.24 10.68
CA LEU B 108 21.89 0.81 12.02
C LEU B 108 23.26 1.44 12.24
N GLN B 109 23.29 2.67 12.75
CA GLN B 109 24.53 3.34 13.13
C GLN B 109 24.47 3.65 14.63
N ILE B 110 25.56 3.36 15.35
CA ILE B 110 25.66 3.64 16.78
C ILE B 110 26.97 4.38 17.04
N ASP B 111 26.89 5.48 17.78
CA ASP B 111 28.06 6.22 18.23
C ASP B 111 27.99 6.31 19.75
N GLU B 112 28.88 5.54 20.40
CA GLU B 112 28.86 5.44 21.85
C GLU B 112 29.32 6.74 22.51
N GLU B 113 30.27 7.44 21.89
CA GLU B 113 30.70 8.71 22.48
C GLU B 113 29.62 9.78 22.39
N LYS B 114 28.77 9.73 21.37
CA LYS B 114 27.67 10.67 21.28
C LYS B 114 26.40 10.15 21.95
N LYS B 115 26.41 8.88 22.38
CA LYS B 115 25.21 8.17 22.83
C LYS B 115 24.07 8.39 21.83
N LEU B 116 24.37 8.06 20.58
CA LEU B 116 23.48 8.36 19.46
C LEU B 116 23.28 7.11 18.62
N VAL B 117 22.02 6.79 18.34
CA VAL B 117 21.65 5.67 17.48
C VAL B 117 20.85 6.21 16.31
N MET B 118 21.09 5.66 15.11
CA MET B 118 20.24 6.04 13.99
C MET B 118 19.83 4.81 13.19
N ALA B 119 18.57 4.78 12.78
CA ALA B 119 18.02 3.81 11.83
C ALA B 119 16.96 4.53 11.03
N HIS B 120 16.55 3.96 9.90
CA HIS B 120 15.66 4.70 9.02
C HIS B 120 14.33 5.03 9.69
N ALA B 121 13.67 4.00 10.24
CA ALA B 121 12.36 4.21 10.85
C ALA B 121 12.42 4.39 12.36
N GLY B 122 13.55 4.10 12.99
CA GLY B 122 13.65 4.20 14.44
C GLY B 122 14.00 2.87 15.05
N ILE B 123 13.80 2.71 16.37
CA ILE B 123 14.08 1.46 17.08
C ILE B 123 12.79 0.99 17.73
N THR B 124 12.29 -0.18 17.31
CA THR B 124 11.06 -0.67 17.92
C THR B 124 11.26 -0.79 19.43
N PRO B 125 10.25 -0.45 20.23
CA PRO B 125 10.37 -0.60 21.69
C PRO B 125 10.50 -2.04 22.11
N GLN B 126 10.26 -3.00 21.22
CA GLN B 126 10.44 -4.39 21.58
C GLN B 126 11.90 -4.83 21.55
N TRP B 127 12.82 -3.97 21.13
CA TRP B 127 14.24 -4.30 21.03
C TRP B 127 15.06 -3.55 22.06
N ASP B 128 15.99 -4.26 22.69
CA ASP B 128 17.09 -3.60 23.38
C ASP B 128 18.24 -3.41 22.40
N LEU B 129 19.32 -2.74 22.84
CA LEU B 129 20.37 -2.38 21.89
C LEU B 129 21.08 -3.60 21.35
N GLN B 130 21.36 -4.58 22.20
CA GLN B 130 22.06 -5.77 21.73
C GLN B 130 21.25 -6.51 20.68
N THR B 131 19.94 -6.58 20.87
CA THR B 131 19.09 -7.25 19.88
C THR B 131 19.06 -6.45 18.59
N ALA B 132 18.91 -5.13 18.69
CA ALA B 132 18.94 -4.30 17.47
C ALA B 132 20.23 -4.51 16.70
N LYS B 133 21.36 -4.58 17.42
CA LYS B 133 22.66 -4.77 16.76
C LYS B 133 22.74 -6.11 16.07
N GLU B 134 22.30 -7.16 16.75
CA GLU B 134 22.35 -8.49 16.15
C GLU B 134 21.45 -8.58 14.92
N CYS B 135 20.27 -7.98 14.99
CA CYS B 135 19.34 -8.03 13.87
C CYS B 135 19.89 -7.23 12.68
N ALA B 136 20.46 -6.07 12.96
CA ALA B 136 21.08 -5.31 11.88
C ALA B 136 22.20 -6.11 11.22
N ARG B 137 23.06 -6.74 12.03
CA ARG B 137 24.15 -7.54 11.46
C ARG B 137 23.61 -8.67 10.58
N ASP B 138 22.52 -9.30 10.99
CA ASP B 138 22.01 -10.45 10.22
C ASP B 138 21.50 -10.00 8.85
N VAL B 139 20.77 -8.88 8.81
CA VAL B 139 20.22 -8.49 7.51
C VAL B 139 21.30 -7.83 6.65
N GLU B 140 22.21 -7.05 7.26
CA GLU B 140 23.37 -6.55 6.51
C GLU B 140 24.15 -7.70 5.88
N ALA B 141 24.27 -8.83 6.60
CA ALA B 141 24.99 -9.96 6.05
C ALA B 141 24.29 -10.51 4.81
N VAL B 142 22.96 -10.63 4.84
CA VAL B 142 22.31 -11.15 3.63
C VAL B 142 22.39 -10.14 2.47
N LEU B 143 22.28 -8.83 2.77
CA LEU B 143 22.30 -7.85 1.71
C LEU B 143 23.67 -7.75 1.03
N SER B 144 24.73 -8.01 1.80
CA SER B 144 26.10 -7.95 1.31
CA SER B 144 26.09 -7.93 1.26
C SER B 144 26.55 -9.25 0.66
N SER B 145 25.74 -10.29 0.74
CA SER B 145 26.10 -11.60 0.22
C SER B 145 25.76 -11.74 -1.27
N ASP B 146 26.37 -12.75 -1.91
CA ASP B 146 26.07 -13.00 -3.31
C ASP B 146 24.62 -13.38 -3.55
N SER B 147 23.92 -13.82 -2.51
CA SER B 147 22.55 -14.29 -2.62
C SER B 147 21.53 -13.21 -2.31
N TYR B 148 21.94 -11.95 -2.36
CA TYR B 148 21.02 -10.89 -1.96
C TYR B 148 19.73 -10.82 -2.77
N PRO B 149 19.64 -11.21 -4.06
CA PRO B 149 18.32 -11.14 -4.72
C PRO B 149 17.28 -12.04 -4.08
N PHE B 150 17.70 -13.24 -3.68
CA PHE B 150 16.77 -14.13 -2.98
CA PHE B 150 16.80 -14.14 -2.97
C PHE B 150 16.27 -13.48 -1.69
N PHE B 151 17.17 -12.83 -0.94
CA PHE B 151 16.75 -12.15 0.30
CA PHE B 151 16.70 -12.22 0.29
C PHE B 151 15.81 -11.00 0.01
N LEU B 152 16.15 -10.20 -1.00
CA LEU B 152 15.28 -9.07 -1.31
C LEU B 152 13.88 -9.54 -1.65
N ASP B 153 13.75 -10.69 -2.33
CA ASP B 153 12.42 -11.22 -2.61
C ASP B 153 11.76 -11.70 -1.34
N ALA B 154 12.55 -12.35 -0.47
CA ALA B 154 12.04 -12.90 0.78
C ALA B 154 11.68 -11.81 1.79
N MET B 155 12.27 -10.62 1.67
CA MET B 155 12.03 -9.55 2.64
CA MET B 155 12.02 -9.60 2.67
C MET B 155 10.60 -9.04 2.59
N TYR B 156 9.91 -9.22 1.47
CA TYR B 156 8.57 -8.66 1.32
C TYR B 156 7.57 -9.40 2.21
N GLY B 157 6.73 -8.64 2.89
CA GLY B 157 5.70 -9.21 3.74
C GLY B 157 5.38 -8.29 4.90
N ASP B 158 4.18 -8.45 5.45
CA ASP B 158 3.72 -7.63 6.56
C ASP B 158 3.64 -8.36 7.90
N MET B 159 3.91 -9.66 7.93
CA MET B 159 3.87 -10.50 9.12
C MET B 159 5.20 -11.22 9.25
N PRO B 160 5.61 -11.58 10.47
CA PRO B 160 4.98 -11.32 11.77
C PRO B 160 5.24 -9.90 12.20
N ASN B 161 4.44 -9.39 13.13
CA ASN B 161 4.59 -8.01 13.57
C ASN B 161 4.92 -7.91 15.05
N ASN B 162 5.27 -9.02 15.69
CA ASN B 162 5.63 -9.11 17.10
C ASN B 162 7.01 -9.75 17.19
N TRP B 163 7.95 -9.06 17.84
CA TRP B 163 9.28 -9.63 18.02
C TRP B 163 9.28 -10.74 19.06
N SER B 164 10.02 -11.81 18.76
CA SER B 164 10.42 -12.81 19.74
C SER B 164 11.80 -13.32 19.36
N PRO B 165 12.69 -13.56 20.35
CA PRO B 165 13.96 -14.24 20.04
C PRO B 165 13.74 -15.61 19.43
N GLU B 166 12.55 -16.17 19.56
CA GLU B 166 12.25 -17.48 19.00
C GLU B 166 11.88 -17.42 17.53
N LEU B 167 11.71 -16.22 16.95
CA LEU B 167 11.41 -16.15 15.54
C LEU B 167 12.53 -16.81 14.76
N ARG B 168 12.18 -17.48 13.67
CA ARG B 168 13.15 -18.16 12.82
C ARG B 168 12.82 -17.89 11.36
N GLY B 169 13.84 -18.02 10.51
CA GLY B 169 13.54 -18.07 9.09
C GLY B 169 12.99 -16.78 8.50
N LEU B 170 12.12 -16.97 7.50
CA LEU B 170 11.58 -15.84 6.73
C LEU B 170 10.91 -14.83 7.64
N GLY B 171 10.12 -15.30 8.61
CA GLY B 171 9.42 -14.35 9.47
C GLY B 171 10.37 -13.47 10.27
N ARG B 172 11.49 -14.05 10.74
CA ARG B 172 12.48 -13.27 11.46
C ARG B 172 13.05 -12.17 10.58
N LEU B 173 13.43 -12.55 9.37
CA LEU B 173 14.03 -11.60 8.44
C LEU B 173 13.04 -10.48 8.07
N ARG B 174 11.78 -10.85 7.83
CA ARG B 174 10.78 -9.85 7.46
C ARG B 174 10.50 -8.90 8.61
N PHE B 175 10.39 -9.43 9.83
CA PHE B 175 10.17 -8.53 10.98
C PHE B 175 11.31 -7.53 11.09
N ILE B 176 12.55 -8.03 11.01
CA ILE B 176 13.70 -7.13 11.15
C ILE B 176 13.66 -6.03 10.10
N THR B 177 13.42 -6.41 8.84
CA THR B 177 13.36 -5.42 7.77
C THR B 177 12.26 -4.41 8.03
N ASN B 178 11.09 -4.87 8.48
CA ASN B 178 9.99 -3.95 8.69
C ASN B 178 10.25 -3.02 9.86
N ALA B 179 10.83 -3.54 10.93
CA ALA B 179 11.14 -2.71 12.10
C ALA B 179 12.13 -1.61 11.74
N PHE B 180 13.19 -1.95 10.99
CA PHE B 180 14.18 -0.91 10.70
C PHE B 180 13.73 0.07 9.62
N THR B 181 12.91 -0.36 8.65
CA THR B 181 12.69 0.47 7.47
C THR B 181 11.25 0.86 7.18
N ARG B 182 10.27 0.31 7.89
CA ARG B 182 8.88 0.64 7.57
C ARG B 182 8.06 1.10 8.77
N MET B 183 8.51 0.82 9.99
CA MET B 183 7.79 1.12 11.23
C MET B 183 7.34 2.58 11.33
N ARG B 184 6.07 2.76 11.74
CA ARG B 184 5.58 4.05 12.24
C ARG B 184 4.81 3.82 13.52
N PHE B 185 3.61 3.23 13.40
CA PHE B 185 2.72 3.04 14.52
C PHE B 185 2.88 1.67 15.17
N CYS B 186 2.61 1.64 16.47
CA CYS B 186 2.59 0.42 17.26
C CYS B 186 1.26 0.28 17.98
N PHE B 187 0.88 -0.96 18.22
CA PHE B 187 -0.17 -1.28 19.17
C PHE B 187 0.40 -1.09 20.58
N PRO B 188 -0.46 -0.99 21.59
CA PRO B 188 0.05 -0.71 22.95
C PRO B 188 1.12 -1.69 23.43
N ASN B 189 1.06 -2.96 23.02
CA ASN B 189 2.04 -3.97 23.41
C ASN B 189 3.32 -3.93 22.57
N GLY B 190 3.46 -2.96 21.69
CA GLY B 190 4.65 -2.83 20.87
C GLY B 190 4.55 -3.44 19.48
N GLN B 191 3.48 -4.19 19.18
CA GLN B 191 3.38 -4.82 17.86
C GLN B 191 3.32 -3.78 16.74
N LEU B 192 3.94 -4.10 15.61
CA LEU B 192 3.98 -3.18 14.47
C LEU B 192 2.66 -3.15 13.73
N ASP B 193 2.23 -1.95 13.35
CA ASP B 193 1.18 -1.79 12.35
C ASP B 193 1.84 -1.42 11.04
N MET B 194 1.51 -2.14 9.97
CA MET B 194 2.21 -1.95 8.73
CA MET B 194 2.20 -1.96 8.71
C MET B 194 1.36 -1.22 7.68
N TYR B 195 0.29 -0.53 8.10
CA TYR B 195 -0.64 0.09 7.16
C TYR B 195 -0.84 1.59 7.37
N SER B 196 -0.94 2.08 8.60
CA SER B 196 -1.24 3.49 8.81
C SER B 196 0.01 4.34 8.63
N LYS B 197 -0.10 5.40 7.82
CA LYS B 197 1.04 6.26 7.54
C LYS B 197 0.76 7.72 7.88
N GLU B 198 -0.37 8.02 8.51
CA GLU B 198 -0.76 9.40 8.73
C GLU B 198 -0.08 9.96 9.97
N SER B 199 -0.38 11.23 10.29
CA SER B 199 0.14 11.82 11.52
C SER B 199 -0.47 11.13 12.73
N PRO B 200 0.19 11.23 13.88
CA PRO B 200 -0.36 10.59 15.08
C PRO B 200 -1.77 11.05 15.45
N GLU B 201 -2.09 12.33 15.26
CA GLU B 201 -3.42 12.82 15.62
C GLU B 201 -4.51 12.19 14.77
N GLU B 202 -4.20 11.79 13.54
CA GLU B 202 -5.20 11.27 12.62
C GLU B 202 -5.28 9.75 12.65
N ALA B 203 -4.41 9.08 13.41
CA ALA B 203 -4.34 7.62 13.36
C ALA B 203 -5.52 6.98 14.09
N PRO B 204 -5.98 5.83 13.62
CA PRO B 204 -7.06 5.12 14.32
C PRO B 204 -6.59 4.50 15.62
N ALA B 205 -7.43 4.59 16.65
CA ALA B 205 -7.12 3.91 17.90
C ALA B 205 -7.04 2.40 17.63
N PRO B 206 -6.21 1.67 18.39
CA PRO B 206 -5.36 2.10 19.51
C PRO B 206 -3.94 2.45 19.10
N LEU B 207 -3.69 2.84 17.85
CA LEU B 207 -2.32 3.02 17.39
C LEU B 207 -1.68 4.26 17.98
N LYS B 208 -0.40 4.12 18.33
CA LYS B 208 0.43 5.20 18.87
C LYS B 208 1.79 5.15 18.20
N PRO B 209 2.50 6.26 18.11
CA PRO B 209 3.85 6.22 17.52
C PRO B 209 4.75 5.28 18.31
N TRP B 210 5.67 4.62 17.58
CA TRP B 210 6.64 3.74 18.22
C TRP B 210 7.40 4.44 19.33
N PHE B 211 7.69 5.73 19.17
CA PHE B 211 8.48 6.41 20.17
C PHE B 211 7.67 6.83 21.38
N ALA B 212 6.35 6.64 21.35
CA ALA B 212 5.47 6.93 22.48
C ALA B 212 5.36 5.76 23.45
N ILE B 213 5.97 4.64 23.12
CA ILE B 213 6.01 3.46 23.98
C ILE B 213 7.41 3.38 24.56
N PRO B 214 7.56 3.43 25.89
CA PRO B 214 8.92 3.43 26.47
C PRO B 214 9.66 2.16 26.07
N GLY B 215 10.88 2.34 25.56
CA GLY B 215 11.72 1.25 25.15
C GLY B 215 13.11 1.40 25.73
N PRO B 216 13.84 0.29 25.86
CA PRO B 216 15.13 0.33 26.56
C PRO B 216 16.22 1.12 25.83
N VAL B 217 16.21 1.17 24.49
CA VAL B 217 17.25 1.92 23.81
C VAL B 217 17.14 3.42 24.11
N ALA B 218 15.92 3.95 24.07
CA ALA B 218 15.73 5.38 24.28
C ALA B 218 16.04 5.81 25.71
N GLU B 219 16.06 4.87 26.66
CA GLU B 219 16.43 5.23 28.02
C GLU B 219 17.90 5.60 28.13
N GLU B 220 18.74 5.09 27.21
CA GLU B 220 20.17 5.31 27.27
C GLU B 220 20.71 6.13 26.11
N TYR B 221 20.03 6.15 24.97
CA TYR B 221 20.56 6.75 23.76
C TYR B 221 19.56 7.74 23.18
N SER B 222 20.09 8.75 22.49
CA SER B 222 19.27 9.51 21.57
C SER B 222 19.05 8.68 20.31
N ILE B 223 17.88 8.83 19.68
CA ILE B 223 17.57 8.12 18.43
C ILE B 223 17.23 9.16 17.38
N ALA B 224 17.96 9.12 16.26
CA ALA B 224 17.64 9.92 15.09
C ALA B 224 17.09 8.99 14.01
N PHE B 225 16.06 9.45 13.29
CA PHE B 225 15.45 8.63 12.24
C PHE B 225 14.84 9.54 11.19
N GLY B 226 14.44 8.94 10.06
CA GLY B 226 13.76 9.71 9.03
C GLY B 226 12.40 9.09 8.78
N HIS B 227 12.13 8.75 7.52
CA HIS B 227 11.03 7.89 7.12
C HIS B 227 9.62 8.47 7.23
N TRP B 228 9.26 8.97 8.41
CA TRP B 228 7.86 9.26 8.73
C TRP B 228 7.54 10.71 8.39
N ALA B 229 7.29 10.96 7.12
CA ALA B 229 7.18 12.35 6.66
C ALA B 229 5.92 13.03 7.21
N SER B 230 4.82 12.29 7.43
CA SER B 230 3.62 12.96 7.94
C SER B 230 3.78 13.45 9.37
N LEU B 231 4.83 13.04 10.06
CA LEU B 231 5.17 13.58 11.37
C LEU B 231 5.71 14.99 11.26
N GLU B 232 6.20 15.37 10.07
CA GLU B 232 6.74 16.71 9.80
C GLU B 232 7.86 17.10 10.77
N GLY B 233 8.59 16.10 11.29
CA GLY B 233 9.68 16.38 12.20
C GLY B 233 9.26 16.90 13.54
N LYS B 234 7.98 16.76 13.90
CA LYS B 234 7.37 17.36 15.07
C LYS B 234 6.81 16.28 15.97
N GLY B 235 6.53 16.66 17.22
CA GLY B 235 5.78 15.81 18.12
C GLY B 235 6.54 14.71 18.81
N THR B 236 7.86 14.79 18.89
CA THR B 236 8.63 13.71 19.49
C THR B 236 9.08 14.06 20.89
N PRO B 237 9.32 13.05 21.72
CA PRO B 237 9.86 13.31 23.06
C PRO B 237 11.31 13.76 23.02
N GLU B 238 11.79 14.23 24.17
CA GLU B 238 13.20 14.57 24.29
C GLU B 238 14.06 13.37 23.95
N GLY B 239 15.11 13.61 23.16
CA GLY B 239 16.04 12.57 22.78
C GLY B 239 15.65 11.83 21.53
N ILE B 240 14.52 12.15 20.92
CA ILE B 240 14.03 11.52 19.70
C ILE B 240 14.01 12.58 18.62
N TYR B 241 14.73 12.34 17.52
CA TYR B 241 14.91 13.32 16.46
C TYR B 241 14.35 12.77 15.16
N ALA B 242 13.19 13.29 14.77
CA ALA B 242 12.52 12.92 13.52
C ALA B 242 12.97 13.91 12.44
N LEU B 243 13.88 13.46 11.56
CA LEU B 243 14.53 14.38 10.64
C LEU B 243 13.89 14.48 9.26
N ASP B 244 12.92 13.63 8.93
CA ASP B 244 12.31 13.67 7.60
C ASP B 244 11.21 14.70 7.57
N THR B 245 11.51 15.87 6.98
CA THR B 245 10.53 16.94 6.84
C THR B 245 10.02 17.04 5.40
N GLY B 246 10.13 15.96 4.64
CA GLY B 246 9.40 15.83 3.39
C GLY B 246 9.90 16.65 2.22
N CYS B 247 11.22 16.72 2.02
CA CYS B 247 11.75 17.57 0.96
C CYS B 247 11.15 17.21 -0.41
N CYS B 248 11.08 15.91 -0.72
CA CYS B 248 10.60 15.49 -2.04
C CYS B 248 9.11 15.77 -2.24
N TRP B 249 8.39 16.01 -1.16
CA TRP B 249 6.95 16.27 -1.19
C TRP B 249 6.64 17.76 -1.27
N GLY B 250 7.65 18.61 -1.43
CA GLY B 250 7.45 20.03 -1.34
C GLY B 250 7.65 20.60 0.05
N GLY B 251 8.13 19.80 1.00
CA GLY B 251 8.44 20.31 2.33
C GLY B 251 9.83 20.89 2.39
N THR B 252 10.67 20.39 3.29
CA THR B 252 12.02 20.93 3.46
C THR B 252 13.00 19.79 3.71
N LEU B 253 14.27 20.06 3.47
CA LEU B 253 15.34 19.17 3.89
C LEU B 253 15.93 19.72 5.20
N THR B 254 16.01 18.88 6.23
CA THR B 254 16.47 19.32 7.54
C THR B 254 17.82 18.74 7.87
N CYS B 255 18.70 19.58 8.44
CA CYS B 255 20.02 19.21 8.93
C CYS B 255 20.15 19.60 10.39
N LEU B 256 20.57 18.65 11.23
CA LEU B 256 20.80 18.93 12.64
C LEU B 256 22.29 18.82 12.92
N ARG B 257 22.88 19.88 13.46
N ARG B 257 22.83 19.86 13.55
CA ARG B 257 24.26 19.82 13.92
CA ARG B 257 24.21 19.93 14.01
C ARG B 257 24.28 19.32 15.36
C ARG B 257 24.27 19.34 15.41
N TRP B 258 25.00 18.22 15.57
CA TRP B 258 24.93 17.49 16.85
C TRP B 258 25.57 18.29 17.98
N GLU B 259 26.67 18.98 17.70
CA GLU B 259 27.42 19.58 18.82
C GLU B 259 26.59 20.61 19.59
N ASP B 260 25.79 21.41 18.90
CA ASP B 260 24.97 22.42 19.56
C ASP B 260 23.48 22.21 19.33
N LYS B 261 23.09 21.07 18.74
CA LYS B 261 21.70 20.77 18.39
C LYS B 261 21.07 21.91 17.60
N GLN B 262 21.83 22.44 16.65
CA GLN B 262 21.32 23.58 15.88
C GLN B 262 20.74 23.05 14.57
N TYR B 263 19.53 23.52 14.19
CA TYR B 263 18.88 23.05 12.98
C TYR B 263 19.12 24.03 11.83
N PHE B 264 19.25 23.47 10.64
CA PHE B 264 19.38 24.21 9.39
C PHE B 264 18.42 23.61 8.40
N VAL B 265 17.72 24.44 7.61
CA VAL B 265 16.65 23.94 6.76
C VAL B 265 16.86 24.47 5.35
N GLN B 266 16.62 23.61 4.35
CA GLN B 266 16.68 23.96 2.94
C GLN B 266 15.29 23.79 2.33
N PRO B 267 14.65 24.83 1.80
CA PRO B 267 13.33 24.65 1.20
C PRO B 267 13.39 23.76 -0.02
N SER B 268 12.30 23.03 -0.25
CA SER B 268 12.19 22.20 -1.44
C SER B 268 12.12 23.07 -2.70
N ASN B 269 12.68 22.57 -3.78
CA ASN B 269 12.52 23.21 -5.08
C ASN B 269 11.22 22.80 -5.77
N ARG B 270 10.51 21.80 -5.25
CA ARG B 270 9.24 21.31 -5.82
C ARG B 270 8.12 22.27 -5.46
#